data_3DF9
#
_entry.id   3DF9
#
_cell.length_a   51.611
_cell.length_b   69.748
_cell.length_c   127.868
_cell.angle_alpha   90.00
_cell.angle_beta   90.00
_cell.angle_gamma   90.00
#
_symmetry.space_group_name_H-M   'P 21 21 21'
#
loop_
_entity.id
_entity.type
_entity.pdbx_description
1 polymer 'MTA/SAH nucleosidase'
2 non-polymer (3R,4S)-1-[(4-amino-5H-pyrrolo[3,2-d]pyrimidin-7-yl)methyl]-4-[(benzylsulfanyl)methyl]pyrrolidin-3-ol
3 water water
#
_entity_poly.entity_id   1
_entity_poly.type   'polypeptide(L)'
_entity_poly.pdbx_seq_one_letter_code
;FQGAMDPEFSMKIGIIGAMEEEVTLLRDKIENRQTISLGGCEIYTGQLNGTEVALLKSGIGKVAAALGATLLLEHCKPDV
IINTGSAGGLAPTLKVGDIVVSDEARYHDADVTAFGYEYGQLPGCPAGFKADDKLIAAAEACIAELNLNAVRGLIVSGDA
FINGSVGLAKIRHNFPQAIAVEMEATAIAHVCHNFNVPFVVVRAISDVADQQSHLSFDEFLAVAAKQSSLMVESLVQKLA
HG
;
_entity_poly.pdbx_strand_id   A,B
#
loop_
_chem_comp.id
_chem_comp.type
_chem_comp.name
_chem_comp.formula
DF9 non-polymer (3R,4S)-1-[(4-amino-5H-pyrrolo[3,2-d]pyrimidin-7-yl)methyl]-4-[(benzylsulfanyl)methyl]pyrrolidin-3-ol 'C19 H23 N5 O S'
#
# COMPACT_ATOMS: atom_id res chain seq x y z
N PHE A 9 -14.37 -27.40 -12.40
CA PHE A 9 -13.53 -27.31 -13.63
C PHE A 9 -13.57 -25.92 -14.27
N SER A 10 -14.11 -24.94 -13.55
CA SER A 10 -14.13 -23.57 -14.03
C SER A 10 -13.58 -22.57 -13.03
N MET A 11 -12.85 -23.03 -12.03
CA MET A 11 -12.27 -22.10 -11.08
C MET A 11 -10.82 -21.75 -11.42
N LYS A 12 -10.45 -20.53 -11.05
CA LYS A 12 -9.09 -20.02 -11.22
C LYS A 12 -8.63 -19.54 -9.85
N ILE A 13 -7.56 -20.14 -9.37
CA ILE A 13 -7.07 -19.81 -8.03
C ILE A 13 -5.90 -18.83 -8.12
N GLY A 14 -6.08 -17.67 -7.50
CA GLY A 14 -5.03 -16.66 -7.44
C GLY A 14 -4.10 -16.95 -6.28
N ILE A 15 -2.80 -16.87 -6.54
CA ILE A 15 -1.80 -17.08 -5.51
C ILE A 15 -0.84 -15.90 -5.54
N ILE A 16 -0.51 -15.35 -4.37
CA ILE A 16 0.42 -14.22 -4.29
C ILE A 16 1.55 -14.49 -3.33
N GLY A 17 2.79 -14.35 -3.80
CA GLY A 17 3.99 -14.30 -2.94
C GLY A 17 4.83 -13.08 -3.31
N ALA A 18 5.60 -12.55 -2.35
CA ALA A 18 6.40 -11.32 -2.56
C ALA A 18 7.73 -11.56 -3.29
N MET A 19 8.52 -12.49 -2.78
CA MET A 19 9.88 -12.75 -3.28
C MET A 19 9.93 -13.94 -4.23
N GLU A 20 10.92 -13.92 -5.12
CA GLU A 20 11.26 -15.07 -5.97
C GLU A 20 11.43 -16.36 -5.19
N GLU A 21 12.23 -16.38 -4.12
CA GLU A 21 12.37 -17.63 -3.40
C GLU A 21 11.03 -18.14 -2.83
N GLU A 22 10.06 -17.24 -2.63
CA GLU A 22 8.74 -17.64 -2.12
C GLU A 22 7.77 -18.18 -3.21
N VAL A 23 8.00 -17.82 -4.47
CA VAL A 23 7.11 -18.25 -5.58
C VAL A 23 7.74 -19.28 -6.51
N THR A 24 9.05 -19.48 -6.38
CA THR A 24 9.79 -20.24 -7.38
C THR A 24 9.40 -21.73 -7.43
N LEU A 25 9.22 -22.36 -6.27
CA LEU A 25 8.79 -23.75 -6.16
C LEU A 25 7.42 -23.99 -6.81
N LEU A 26 6.49 -23.06 -6.54
CA LEU A 26 5.16 -23.08 -7.14
C LEU A 26 5.20 -22.81 -8.65
N ARG A 27 6.02 -21.84 -9.05
N ARG A 27 6.01 -21.86 -9.06
CA ARG A 27 6.20 -21.49 -10.46
CA ARG A 27 6.16 -21.51 -10.45
C ARG A 27 6.72 -22.66 -11.29
C ARG A 27 6.72 -22.66 -11.29
N ASP A 28 7.62 -23.45 -10.70
CA ASP A 28 8.22 -24.62 -11.38
C ASP A 28 7.22 -25.74 -11.65
N LYS A 29 6.20 -25.82 -10.80
CA LYS A 29 5.17 -26.84 -10.94
C LYS A 29 4.04 -26.48 -11.92
N ILE A 30 4.03 -25.25 -12.42
CA ILE A 30 2.97 -24.82 -13.32
C ILE A 30 3.05 -25.48 -14.70
N GLU A 31 2.03 -26.27 -15.05
CA GLU A 31 1.87 -26.79 -16.42
C GLU A 31 1.38 -25.71 -17.35
N ASN A 32 1.83 -25.76 -18.61
CA ASN A 32 1.44 -24.77 -19.63
C ASN A 32 1.69 -23.32 -19.16
N ARG A 33 2.84 -23.12 -18.50
CA ARG A 33 3.15 -21.83 -17.93
C ARG A 33 3.36 -20.74 -18.97
N GLN A 34 2.78 -19.57 -18.69
CA GLN A 34 3.09 -18.33 -19.41
C GLN A 34 3.34 -17.20 -18.39
N THR A 35 3.96 -16.12 -18.84
CA THR A 35 4.28 -15.01 -17.94
C THR A 35 3.67 -13.71 -18.45
N ILE A 36 2.92 -13.03 -17.58
CA ILE A 36 2.45 -11.65 -17.84
C ILE A 36 3.33 -10.64 -17.09
N SER A 37 3.96 -9.73 -17.81
CA SER A 37 4.83 -8.71 -17.22
C SER A 37 4.14 -7.36 -17.27
N LEU A 38 3.86 -6.78 -16.11
CA LEU A 38 3.08 -5.54 -16.04
C LEU A 38 3.35 -4.80 -14.73
N GLY A 39 3.53 -3.49 -14.82
CA GLY A 39 3.73 -2.62 -13.65
C GLY A 39 4.82 -3.06 -12.68
N GLY A 40 5.90 -3.64 -13.20
CA GLY A 40 7.02 -4.12 -12.36
C GLY A 40 6.82 -5.47 -11.68
N CYS A 41 5.68 -6.09 -11.97
N CYS A 41 5.69 -6.13 -11.94
CA CYS A 41 5.30 -7.39 -11.41
CA CYS A 41 5.47 -7.43 -11.35
C CYS A 41 5.30 -8.46 -12.49
C CYS A 41 5.19 -8.45 -12.44
N GLU A 42 5.25 -9.72 -12.06
CA GLU A 42 5.06 -10.84 -12.98
C GLU A 42 3.94 -11.72 -12.47
N ILE A 43 3.13 -12.20 -13.42
CA ILE A 43 2.07 -13.17 -13.14
C ILE A 43 2.28 -14.42 -14.03
N TYR A 44 2.30 -15.59 -13.40
CA TYR A 44 2.49 -16.86 -14.10
C TYR A 44 1.13 -17.55 -14.21
N THR A 45 0.69 -17.78 -15.44
CA THR A 45 -0.58 -18.43 -15.69
C THR A 45 -0.31 -19.87 -16.11
N GLY A 46 -1.31 -20.74 -15.94
CA GLY A 46 -1.17 -22.16 -16.26
C GLY A 46 -1.95 -22.97 -15.26
N GLN A 47 -1.64 -24.27 -15.16
CA GLN A 47 -2.35 -25.15 -14.26
C GLN A 47 -1.40 -25.80 -13.27
N LEU A 48 -1.94 -26.05 -12.10
CA LEU A 48 -1.17 -26.68 -11.05
C LEU A 48 -1.90 -27.99 -10.76
N ASN A 49 -1.27 -29.11 -11.13
CA ASN A 49 -1.91 -30.42 -11.05
C ASN A 49 -3.33 -30.37 -11.63
N GLY A 50 -3.50 -29.66 -12.75
CA GLY A 50 -4.79 -29.58 -13.43
C GLY A 50 -5.69 -28.39 -13.12
N THR A 51 -5.42 -27.67 -12.03
CA THR A 51 -6.26 -26.51 -11.64
C THR A 51 -5.67 -25.21 -12.19
N GLU A 52 -6.49 -24.45 -12.91
CA GLU A 52 -6.08 -23.16 -13.43
C GLU A 52 -5.64 -22.23 -12.29
N VAL A 53 -4.40 -21.73 -12.38
CA VAL A 53 -3.86 -20.80 -11.37
C VAL A 53 -3.29 -19.53 -12.01
N ALA A 54 -3.19 -18.46 -11.22
CA ALA A 54 -2.52 -17.24 -11.62
C ALA A 54 -1.64 -16.83 -10.44
N LEU A 55 -0.34 -16.95 -10.62
CA LEU A 55 0.62 -16.77 -9.55
C LEU A 55 1.37 -15.44 -9.71
N LEU A 56 1.14 -14.55 -8.76
CA LEU A 56 1.74 -13.21 -8.75
C LEU A 56 3.00 -13.19 -7.90
N LYS A 57 4.08 -12.66 -8.47
CA LYS A 57 5.25 -12.23 -7.69
C LYS A 57 5.16 -10.70 -7.51
N SER A 58 4.78 -10.28 -6.31
CA SER A 58 4.36 -8.88 -6.08
C SER A 58 5.49 -7.95 -5.74
N GLY A 59 6.54 -8.49 -5.11
CA GLY A 59 7.55 -7.64 -4.52
C GLY A 59 7.13 -7.37 -3.10
N ILE A 60 7.97 -6.61 -2.40
CA ILE A 60 7.95 -6.52 -0.94
C ILE A 60 7.25 -5.25 -0.49
N GLY A 61 6.44 -5.39 0.56
CA GLY A 61 5.85 -4.26 1.23
C GLY A 61 4.42 -4.02 0.79
N LYS A 62 3.76 -3.07 1.45
CA LYS A 62 2.29 -2.91 1.36
C LYS A 62 1.84 -2.39 -0.02
N VAL A 63 2.57 -1.40 -0.54
CA VAL A 63 2.26 -0.81 -1.85
C VAL A 63 2.54 -1.76 -3.01
N ALA A 64 3.68 -2.45 -2.97
CA ALA A 64 4.01 -3.47 -3.96
C ALA A 64 2.91 -4.54 -4.05
N ALA A 65 2.54 -5.09 -2.90
CA ALA A 65 1.43 -6.03 -2.77
C ALA A 65 0.09 -5.48 -3.30
N ALA A 66 -0.24 -4.24 -2.93
CA ALA A 66 -1.51 -3.63 -3.34
C ALA A 66 -1.56 -3.45 -4.85
N LEU A 67 -0.50 -2.85 -5.41
CA LEU A 67 -0.35 -2.68 -6.86
C LEU A 67 -0.48 -4.06 -7.54
N GLY A 68 0.29 -5.03 -7.06
CA GLY A 68 0.28 -6.38 -7.63
C GLY A 68 -1.07 -7.05 -7.58
N ALA A 69 -1.73 -6.95 -6.42
CA ALA A 69 -3.03 -7.58 -6.19
C ALA A 69 -4.09 -6.97 -7.10
N THR A 70 -4.05 -5.64 -7.22
CA THR A 70 -4.95 -4.91 -8.09
C THR A 70 -4.80 -5.35 -9.54
N LEU A 71 -3.56 -5.43 -10.02
CA LEU A 71 -3.29 -5.94 -11.37
C LEU A 71 -3.78 -7.38 -11.58
N LEU A 72 -3.45 -8.27 -10.64
CA LEU A 72 -3.91 -9.67 -10.69
C LEU A 72 -5.44 -9.78 -10.77
N LEU A 73 -6.16 -9.04 -9.92
CA LEU A 73 -7.63 -9.05 -9.94
C LEU A 73 -8.20 -8.49 -11.24
N GLU A 74 -7.64 -7.38 -11.70
CA GLU A 74 -8.08 -6.73 -12.94
C GLU A 74 -7.79 -7.55 -14.18
N HIS A 75 -6.60 -8.14 -14.25
CA HIS A 75 -6.18 -8.85 -15.45
C HIS A 75 -6.57 -10.31 -15.52
N CYS A 76 -6.75 -10.93 -14.35
CA CYS A 76 -6.88 -12.39 -14.29
C CYS A 76 -8.18 -12.81 -13.62
N LYS A 77 -8.81 -11.89 -12.90
CA LYS A 77 -10.06 -12.15 -12.16
C LYS A 77 -10.10 -13.52 -11.45
N PRO A 78 -9.11 -13.81 -10.58
CA PRO A 78 -9.16 -15.10 -9.87
C PRO A 78 -10.39 -15.16 -8.94
N ASP A 79 -10.89 -16.37 -8.70
CA ASP A 79 -12.08 -16.53 -7.82
C ASP A 79 -11.78 -16.33 -6.35
N VAL A 80 -10.57 -16.71 -5.94
CA VAL A 80 -10.11 -16.60 -4.57
C VAL A 80 -8.63 -16.22 -4.60
N ILE A 81 -8.11 -15.71 -3.49
CA ILE A 81 -6.68 -15.37 -3.40
C ILE A 81 -6.05 -16.13 -2.23
N ILE A 82 -4.91 -16.76 -2.49
CA ILE A 82 -4.12 -17.39 -1.44
C ILE A 82 -2.80 -16.63 -1.39
N ASN A 83 -2.49 -16.07 -0.21
CA ASN A 83 -1.21 -15.40 0.00
C ASN A 83 -0.23 -16.38 0.66
N THR A 84 0.89 -16.62 -0.02
CA THR A 84 1.91 -17.60 0.37
C THR A 84 3.22 -16.88 0.77
N GLY A 85 4.15 -17.61 1.41
CA GLY A 85 5.47 -17.06 1.72
C GLY A 85 5.87 -17.23 3.17
N SER A 86 6.87 -16.45 3.60
CA SER A 86 7.40 -16.54 4.96
C SER A 86 6.70 -15.57 5.92
N ALA A 87 6.95 -15.74 7.21
CA ALA A 87 6.46 -14.82 8.24
C ALA A 87 7.33 -14.91 9.49
N GLY A 88 7.28 -13.87 10.32
CA GLY A 88 7.90 -13.92 11.65
C GLY A 88 6.90 -14.43 12.66
N GLY A 89 7.28 -15.46 13.42
CA GLY A 89 6.40 -16.14 14.38
C GLY A 89 6.26 -15.37 15.67
N LEU A 90 5.03 -15.27 16.18
CA LEU A 90 4.75 -14.53 17.40
C LEU A 90 4.07 -15.42 18.46
N ALA A 91 3.32 -16.42 17.99
CA ALA A 91 2.66 -17.37 18.87
C ALA A 91 3.72 -18.29 19.54
N PRO A 92 3.54 -18.59 20.84
CA PRO A 92 4.49 -19.37 21.64
C PRO A 92 4.84 -20.74 21.04
N THR A 93 3.83 -21.47 20.58
CA THR A 93 4.03 -22.85 20.13
C THR A 93 4.63 -22.95 18.73
N LEU A 94 4.94 -21.82 18.11
CA LEU A 94 5.44 -21.81 16.75
C LEU A 94 6.94 -22.00 16.66
N LYS A 95 7.35 -22.93 15.80
CA LYS A 95 8.75 -23.14 15.52
C LYS A 95 8.96 -22.82 14.06
N VAL A 96 10.21 -22.57 13.70
CA VAL A 96 10.58 -22.38 12.30
C VAL A 96 10.06 -23.54 11.43
N GLY A 97 9.38 -23.19 10.32
CA GLY A 97 8.84 -24.17 9.38
C GLY A 97 7.34 -24.41 9.51
N ASP A 98 6.82 -24.19 10.71
CA ASP A 98 5.40 -24.36 11.01
C ASP A 98 4.49 -23.42 10.23
N ILE A 99 3.22 -23.80 10.12
CA ILE A 99 2.27 -23.09 9.28
C ILE A 99 1.47 -22.08 10.07
N VAL A 100 1.28 -20.89 9.48
CA VAL A 100 0.28 -19.96 9.99
C VAL A 100 -0.83 -19.77 8.96
N VAL A 101 -2.07 -19.80 9.45
CA VAL A 101 -3.24 -19.54 8.62
C VAL A 101 -3.93 -18.34 9.21
N SER A 102 -4.25 -17.38 8.36
CA SER A 102 -4.98 -16.20 8.81
C SER A 102 -6.47 -16.47 9.03
N ASP A 103 -6.97 -16.09 10.20
CA ASP A 103 -8.40 -15.85 10.46
CA ASP A 103 -8.41 -15.91 10.26
C ASP A 103 -8.74 -14.45 9.96
N GLU A 104 -7.74 -13.57 10.08
CA GLU A 104 -7.88 -12.14 9.77
C GLU A 104 -6.51 -11.49 9.70
N ALA A 105 -6.50 -10.27 9.16
CA ALA A 105 -5.29 -9.51 8.84
C ALA A 105 -5.53 -8.04 9.22
N ARG A 106 -4.59 -7.47 9.97
CA ARG A 106 -4.61 -6.06 10.40
C ARG A 106 -3.24 -5.44 10.18
N TYR A 107 -3.22 -4.14 9.87
CA TYR A 107 -1.99 -3.38 9.79
C TYR A 107 -1.49 -3.12 11.19
N HIS A 108 -0.26 -3.53 11.49
CA HIS A 108 0.25 -3.18 12.83
C HIS A 108 0.81 -1.75 12.88
N ASP A 109 1.00 -1.14 11.71
CA ASP A 109 1.63 0.18 11.59
C ASP A 109 0.70 1.33 11.13
N ALA A 110 -0.62 1.08 11.16
CA ALA A 110 -1.61 2.12 10.81
C ALA A 110 -2.09 2.75 12.11
N ASP A 111 -2.11 4.07 12.15
CA ASP A 111 -2.47 4.76 13.37
C ASP A 111 -3.14 6.08 13.06
N VAL A 112 -4.47 6.07 13.13
CA VAL A 112 -5.26 7.29 13.04
C VAL A 112 -6.12 7.37 14.31
N THR A 113 -5.55 6.87 15.40
CA THR A 113 -6.24 6.82 16.69
C THR A 113 -6.55 8.22 17.18
N ALA A 114 -5.80 9.22 16.69
CA ALA A 114 -6.07 10.61 17.00
C ALA A 114 -7.48 11.04 16.60
N PHE A 115 -8.06 10.39 15.59
CA PHE A 115 -9.42 10.68 15.15
C PHE A 115 -10.43 9.58 15.54
N GLY A 116 -10.07 8.77 16.53
CA GLY A 116 -10.99 7.80 17.13
C GLY A 116 -11.16 6.49 16.39
N TYR A 117 -10.26 6.21 15.44
CA TYR A 117 -10.25 4.92 14.79
C TYR A 117 -9.52 3.98 15.69
N GLU A 118 -9.86 2.69 15.56
CA GLU A 118 -9.18 1.64 16.30
C GLU A 118 -7.72 1.57 15.85
N TYR A 119 -6.80 1.25 16.75
CA TYR A 119 -5.41 1.13 16.36
C TYR A 119 -5.28 0.06 15.23
N GLY A 120 -4.52 0.40 14.19
CA GLY A 120 -4.35 -0.51 13.04
C GLY A 120 -5.37 -0.26 11.92
N GLN A 121 -6.43 0.49 12.25
CA GLN A 121 -7.53 0.71 11.30
C GLN A 121 -7.28 1.95 10.45
N LEU A 122 -7.50 1.83 9.13
CA LEU A 122 -7.53 3.02 8.28
C LEU A 122 -8.96 3.47 8.01
N PRO A 123 -9.19 4.80 7.97
CA PRO A 123 -10.53 5.33 7.69
C PRO A 123 -11.07 4.77 6.38
N GLY A 124 -12.34 4.38 6.36
CA GLY A 124 -12.90 3.73 5.16
C GLY A 124 -12.74 2.21 5.12
N CYS A 125 -11.97 1.66 6.07
CA CYS A 125 -11.73 0.21 6.14
C CYS A 125 -12.29 -0.37 7.42
N PRO A 126 -12.66 -1.67 7.42
CA PRO A 126 -12.91 -2.32 8.70
C PRO A 126 -11.62 -2.32 9.52
N ALA A 127 -11.71 -2.46 10.84
CA ALA A 127 -10.50 -2.47 11.69
C ALA A 127 -9.51 -3.60 11.32
N GLY A 128 -10.07 -4.72 10.86
CA GLY A 128 -9.28 -5.83 10.30
C GLY A 128 -10.07 -6.51 9.20
N PHE A 129 -9.40 -7.32 8.39
CA PHE A 129 -9.99 -7.98 7.23
C PHE A 129 -10.09 -9.47 7.45
N LYS A 130 -11.31 -10.00 7.47
CA LYS A 130 -11.52 -11.42 7.76
C LYS A 130 -11.27 -12.34 6.56
N ALA A 131 -10.45 -13.38 6.76
CA ALA A 131 -10.21 -14.40 5.75
C ALA A 131 -11.44 -15.25 5.56
N ASP A 132 -11.51 -15.96 4.45
CA ASP A 132 -12.73 -16.65 4.05
C ASP A 132 -12.90 -17.95 4.83
N ASP A 133 -14.05 -18.12 5.49
CA ASP A 133 -14.29 -19.36 6.30
C ASP A 133 -14.00 -20.69 5.57
N LYS A 134 -14.51 -20.82 4.35
CA LYS A 134 -14.27 -22.02 3.52
C LYS A 134 -12.79 -22.25 3.19
N LEU A 135 -12.10 -21.18 2.82
CA LEU A 135 -10.67 -21.25 2.52
C LEU A 135 -9.85 -21.71 3.73
N ILE A 136 -10.15 -21.12 4.89
CA ILE A 136 -9.53 -21.48 6.16
C ILE A 136 -9.81 -22.95 6.50
N ALA A 137 -11.05 -23.38 6.27
CA ALA A 137 -11.47 -24.74 6.62
C ALA A 137 -10.65 -25.74 5.82
N ALA A 138 -10.52 -25.45 4.53
CA ALA A 138 -9.74 -26.30 3.63
C ALA A 138 -8.25 -26.29 3.97
N ALA A 139 -7.72 -25.12 4.31
CA ALA A 139 -6.32 -25.03 4.77
C ALA A 139 -6.11 -25.88 6.03
N GLU A 140 -7.07 -25.84 6.95
CA GLU A 140 -7.01 -26.66 8.19
C GLU A 140 -7.06 -28.16 7.90
N ALA A 141 -7.84 -28.55 6.88
CA ALA A 141 -7.89 -29.94 6.42
C ALA A 141 -6.56 -30.41 5.82
N CYS A 142 -5.92 -29.55 5.04
CA CYS A 142 -4.62 -29.89 4.46
C CYS A 142 -3.55 -30.08 5.54
N ILE A 143 -3.60 -29.21 6.56
CA ILE A 143 -2.71 -29.28 7.72
C ILE A 143 -2.85 -30.65 8.43
N ALA A 144 -4.08 -31.06 8.75
CA ALA A 144 -4.33 -32.37 9.36
C ALA A 144 -3.76 -33.52 8.52
N GLU A 145 -4.08 -33.49 7.22
CA GLU A 145 -3.68 -34.51 6.24
C GLU A 145 -2.17 -34.58 6.05
N LEU A 146 -1.51 -33.42 6.10
CA LEU A 146 -0.06 -33.37 5.99
C LEU A 146 0.67 -33.54 7.34
N ASN A 147 -0.11 -33.58 8.43
CA ASN A 147 0.44 -33.77 9.76
C ASN A 147 1.46 -32.66 10.11
N LEU A 148 1.03 -31.41 9.96
CA LEU A 148 1.92 -30.29 10.20
C LEU A 148 1.52 -29.56 11.46
N ASN A 149 2.46 -28.82 12.02
CA ASN A 149 2.18 -27.97 13.16
CA ASN A 149 2.16 -27.96 13.17
C ASN A 149 1.73 -26.60 12.67
N ALA A 150 0.60 -26.12 13.19
CA ALA A 150 0.05 -24.87 12.73
C ALA A 150 -0.68 -24.11 13.80
N VAL A 151 -0.75 -22.80 13.59
CA VAL A 151 -1.55 -21.92 14.39
C VAL A 151 -2.40 -21.09 13.43
N ARG A 152 -3.64 -20.85 13.84
CA ARG A 152 -4.58 -20.03 13.12
C ARG A 152 -4.88 -18.85 14.02
N GLY A 153 -5.00 -17.68 13.42
CA GLY A 153 -5.29 -16.49 14.19
C GLY A 153 -4.95 -15.27 13.38
N LEU A 154 -4.76 -14.15 14.08
CA LEU A 154 -4.50 -12.87 13.46
C LEU A 154 -3.08 -12.77 12.93
N ILE A 155 -2.97 -12.38 11.67
CA ILE A 155 -1.69 -12.04 11.07
C ILE A 155 -1.62 -10.51 10.82
N VAL A 156 -0.57 -9.88 11.31
CA VAL A 156 -0.38 -8.43 11.14
C VAL A 156 0.74 -8.06 10.16
N SER A 157 0.53 -6.96 9.41
CA SER A 157 1.47 -6.51 8.39
C SER A 157 1.92 -5.06 8.62
N GLY A 158 3.15 -4.77 8.18
CA GLY A 158 3.66 -3.41 8.16
C GLY A 158 4.80 -3.33 7.18
N ASP A 159 5.32 -2.13 6.96
CA ASP A 159 6.45 -1.95 6.05
C ASP A 159 7.83 -2.05 6.72
N ALA A 160 7.90 -2.76 7.85
CA ALA A 160 9.18 -2.96 8.55
C ALA A 160 9.46 -4.44 8.75
N PHE A 161 10.73 -4.82 8.60
CA PHE A 161 11.19 -6.14 9.02
C PHE A 161 11.40 -6.11 10.53
N ILE A 162 10.72 -7.01 11.24
CA ILE A 162 10.71 -6.95 12.70
C ILE A 162 11.90 -7.73 13.28
N ASN A 163 12.60 -7.10 14.22
CA ASN A 163 13.92 -7.55 14.71
C ASN A 163 14.07 -7.31 16.20
N GLY A 164 13.04 -7.66 16.97
CA GLY A 164 13.06 -7.45 18.41
C GLY A 164 12.98 -5.98 18.78
N SER A 165 13.59 -5.63 19.91
CA SER A 165 13.53 -4.27 20.50
C SER A 165 12.10 -3.71 20.54
N VAL A 166 11.96 -2.39 20.35
CA VAL A 166 10.65 -1.72 20.45
C VAL A 166 9.70 -2.16 19.34
N GLY A 167 10.27 -2.45 18.16
CA GLY A 167 9.54 -2.98 17.00
C GLY A 167 8.63 -4.16 17.33
N LEU A 168 9.20 -5.17 18.00
CA LEU A 168 8.45 -6.36 18.39
C LEU A 168 7.52 -6.09 19.55
N ALA A 169 8.03 -5.37 20.55
CA ALA A 169 7.30 -5.11 21.80
C ALA A 169 6.03 -4.30 21.56
N LYS A 170 6.12 -3.36 20.61
CA LYS A 170 4.96 -2.55 20.24
C LYS A 170 3.86 -3.42 19.61
N ILE A 171 4.25 -4.28 18.67
CA ILE A 171 3.31 -5.22 18.04
C ILE A 171 2.62 -6.12 19.09
N ARG A 172 3.42 -6.75 19.95
CA ARG A 172 2.90 -7.63 21.01
C ARG A 172 1.97 -6.89 21.97
N HIS A 173 2.26 -5.62 22.25
CA HIS A 173 1.38 -4.81 23.08
C HIS A 173 0.07 -4.45 22.39
N ASN A 174 0.16 -4.02 21.13
CA ASN A 174 -1.04 -3.57 20.38
C ASN A 174 -1.90 -4.73 19.88
N PHE A 175 -1.25 -5.85 19.59
CA PHE A 175 -1.95 -7.05 19.10
C PHE A 175 -1.48 -8.29 19.88
N PRO A 176 -1.96 -8.45 21.13
CA PRO A 176 -1.48 -9.55 21.98
C PRO A 176 -1.89 -10.91 21.41
N GLN A 177 -2.95 -10.92 20.60
CA GLN A 177 -3.49 -12.11 19.93
C GLN A 177 -2.84 -12.44 18.56
N ALA A 178 -2.03 -11.52 18.03
CA ALA A 178 -1.37 -11.73 16.73
C ALA A 178 -0.45 -12.93 16.78
N ILE A 179 -0.53 -13.79 15.76
CA ILE A 179 0.25 -15.01 15.73
C ILE A 179 1.48 -14.98 14.82
N ALA A 180 1.53 -14.01 13.91
CA ALA A 180 2.64 -13.84 12.96
C ALA A 180 2.65 -12.43 12.45
N VAL A 181 3.81 -12.00 11.94
CA VAL A 181 3.97 -10.67 11.39
C VAL A 181 4.69 -10.78 10.07
N GLU A 182 4.26 -9.98 9.09
CA GLU A 182 4.91 -9.93 7.79
C GLU A 182 4.60 -8.59 7.14
N MET A 183 4.65 -8.49 5.82
CA MET A 183 4.65 -7.17 5.16
C MET A 183 3.69 -6.97 3.97
N GLU A 184 2.86 -7.99 3.67
CA GLU A 184 1.98 -7.91 2.47
C GLU A 184 0.54 -8.36 2.68
N ALA A 185 0.30 -9.26 3.63
CA ALA A 185 -0.98 -9.94 3.78
C ALA A 185 -2.16 -8.98 3.94
N THR A 186 -2.03 -8.01 4.83
CA THR A 186 -3.12 -7.06 5.05
C THR A 186 -3.40 -6.19 3.81
N ALA A 187 -2.35 -5.78 3.09
CA ALA A 187 -2.50 -5.02 1.83
C ALA A 187 -3.32 -5.84 0.82
N ILE A 188 -2.98 -7.12 0.71
CA ILE A 188 -3.70 -8.05 -0.15
C ILE A 188 -5.16 -8.21 0.31
N ALA A 189 -5.37 -8.44 1.61
CA ALA A 189 -6.71 -8.50 2.23
C ALA A 189 -7.57 -7.27 1.95
N HIS A 190 -6.94 -6.11 2.08
CA HIS A 190 -7.58 -4.80 1.86
C HIS A 190 -8.05 -4.68 0.41
N VAL A 191 -7.17 -4.97 -0.55
CA VAL A 191 -7.52 -4.99 -1.98
C VAL A 191 -8.65 -5.98 -2.29
N CYS A 192 -8.52 -7.23 -1.81
CA CYS A 192 -9.57 -8.25 -1.91
C CYS A 192 -10.91 -7.82 -1.29
N HIS A 193 -10.85 -7.13 -0.15
CA HIS A 193 -12.04 -6.59 0.50
C HIS A 193 -12.77 -5.64 -0.45
N ASN A 194 -12.00 -4.74 -1.08
CA ASN A 194 -12.56 -3.71 -1.96
C ASN A 194 -13.17 -4.28 -3.25
N PHE A 195 -12.67 -5.44 -3.68
CA PHE A 195 -13.20 -6.15 -4.84
C PHE A 195 -14.12 -7.32 -4.50
N ASN A 196 -14.41 -7.51 -3.22
CA ASN A 196 -15.27 -8.59 -2.74
C ASN A 196 -14.72 -9.98 -3.14
N VAL A 197 -13.40 -10.16 -3.01
CA VAL A 197 -12.72 -11.42 -3.35
C VAL A 197 -12.26 -12.15 -2.08
N PRO A 198 -12.68 -13.42 -1.91
CA PRO A 198 -12.24 -14.22 -0.74
C PRO A 198 -10.71 -14.43 -0.72
N PHE A 199 -10.11 -14.28 0.46
CA PHE A 199 -8.67 -14.53 0.62
C PHE A 199 -8.38 -15.40 1.83
N VAL A 200 -7.21 -16.03 1.79
CA VAL A 200 -6.63 -16.65 2.97
C VAL A 200 -5.11 -16.48 2.86
N VAL A 201 -4.46 -16.35 4.00
CA VAL A 201 -3.01 -16.32 4.09
C VAL A 201 -2.60 -17.67 4.65
N VAL A 202 -1.67 -18.33 3.96
CA VAL A 202 -1.07 -19.58 4.40
C VAL A 202 0.45 -19.42 4.25
N ARG A 203 1.09 -19.00 5.34
CA ARG A 203 2.54 -18.79 5.35
C ARG A 203 3.25 -19.76 6.33
N ALA A 204 4.59 -19.76 6.29
CA ALA A 204 5.37 -20.63 7.16
C ALA A 204 6.48 -19.83 7.83
N ILE A 205 6.81 -20.22 9.06
CA ILE A 205 7.69 -19.45 9.95
C ILE A 205 9.17 -19.56 9.55
N SER A 206 9.81 -18.40 9.42
CA SER A 206 11.23 -18.30 9.07
C SER A 206 12.07 -17.76 10.24
N ASP A 207 11.39 -17.19 11.23
CA ASP A 207 12.03 -16.50 12.36
C ASP A 207 10.96 -16.13 13.38
N VAL A 208 11.39 -15.70 14.57
CA VAL A 208 10.46 -15.27 15.61
C VAL A 208 10.48 -13.76 15.88
N ALA A 209 10.92 -12.99 14.88
CA ALA A 209 10.76 -11.53 14.86
C ALA A 209 11.49 -10.83 16.02
N ASP A 210 12.51 -11.51 16.56
CA ASP A 210 13.30 -10.99 17.70
C ASP A 210 14.68 -10.53 17.22
N GLN A 211 15.59 -10.29 18.16
CA GLN A 211 16.93 -9.80 17.84
C GLN A 211 17.63 -10.66 16.78
N GLN A 212 17.32 -11.95 16.79
CA GLN A 212 17.92 -12.94 15.91
C GLN A 212 17.20 -13.10 14.57
N SER A 213 16.12 -12.35 14.37
CA SER A 213 15.25 -12.53 13.17
C SER A 213 15.96 -12.50 11.81
N HIS A 214 16.94 -11.60 11.67
CA HIS A 214 17.67 -11.45 10.42
C HIS A 214 18.56 -12.69 10.09
N LEU A 215 19.23 -13.22 11.09
CA LEU A 215 20.02 -14.45 10.95
C LEU A 215 19.11 -15.66 10.74
N SER A 216 18.05 -15.76 11.55
CA SER A 216 17.08 -16.85 11.42
C SER A 216 16.43 -16.84 10.06
N PHE A 217 16.05 -15.66 9.57
CA PHE A 217 15.47 -15.50 8.24
C PHE A 217 16.36 -15.98 7.12
N ASP A 218 17.62 -15.52 7.08
CA ASP A 218 18.58 -15.97 6.08
C ASP A 218 18.74 -17.50 6.13
N GLU A 219 18.75 -18.06 7.33
CA GLU A 219 18.93 -19.50 7.51
C GLU A 219 17.70 -20.34 7.13
N PHE A 220 16.51 -19.86 7.48
CA PHE A 220 15.31 -20.68 7.34
C PHE A 220 14.25 -20.17 6.36
N LEU A 221 14.62 -19.30 5.43
CA LEU A 221 13.68 -18.84 4.41
C LEU A 221 13.32 -19.99 3.46
N ALA A 222 14.31 -20.83 3.16
CA ALA A 222 14.13 -21.93 2.21
C ALA A 222 13.15 -22.94 2.75
N VAL A 223 13.28 -23.23 4.04
CA VAL A 223 12.38 -24.10 4.76
C VAL A 223 10.95 -23.52 4.80
N ALA A 224 10.86 -22.20 5.01
CA ALA A 224 9.59 -21.48 5.07
C ALA A 224 8.90 -21.57 3.72
N ALA A 225 9.66 -21.27 2.66
CA ALA A 225 9.17 -21.32 1.28
C ALA A 225 8.71 -22.73 0.86
N LYS A 226 9.44 -23.75 1.31
CA LYS A 226 9.11 -25.13 1.03
C LYS A 226 7.78 -25.54 1.68
N GLN A 227 7.69 -25.34 2.99
CA GLN A 227 6.53 -25.73 3.78
C GLN A 227 5.26 -24.97 3.37
N SER A 228 5.39 -23.68 3.07
N SER A 228 5.40 -23.68 3.07
CA SER A 228 4.27 -22.88 2.57
CA SER A 228 4.28 -22.87 2.56
CA SER A 228 3.63 -22.20 2.81
C SER A 228 3.83 -23.33 1.18
C SER A 228 3.83 -23.36 1.19
N SER A 229 4.79 -23.61 0.30
CA SER A 229 4.51 -24.09 -1.05
C SER A 229 3.82 -25.45 -1.07
N LEU A 230 4.28 -26.38 -0.22
CA LEU A 230 3.62 -27.67 -0.03
C LEU A 230 2.14 -27.50 0.36
N MET A 231 1.90 -26.62 1.32
CA MET A 231 0.55 -26.30 1.80
C MET A 231 -0.37 -25.72 0.73
N VAL A 232 0.15 -24.79 -0.05
CA VAL A 232 -0.58 -24.19 -1.16
C VAL A 232 -0.92 -25.22 -2.25
N GLU A 233 0.05 -26.06 -2.58
CA GLU A 233 -0.16 -27.18 -3.53
C GLU A 233 -1.32 -28.06 -3.09
N SER A 234 -1.36 -28.46 -1.81
CA SER A 234 -2.45 -29.28 -1.26
C SER A 234 -3.76 -28.51 -1.23
N LEU A 235 -3.65 -27.23 -0.87
CA LEU A 235 -4.84 -26.38 -0.76
C LEU A 235 -5.53 -26.21 -2.11
N VAL A 236 -4.76 -25.92 -3.15
CA VAL A 236 -5.31 -25.76 -4.49
C VAL A 236 -6.05 -27.04 -4.92
N GLN A 237 -5.39 -28.18 -4.71
CA GLN A 237 -5.95 -29.49 -5.03
C GLN A 237 -7.26 -29.73 -4.26
N LYS A 238 -7.27 -29.43 -2.96
CA LYS A 238 -8.47 -29.57 -2.14
C LYS A 238 -9.64 -28.66 -2.57
N LEU A 239 -9.34 -27.41 -2.91
CA LEU A 239 -10.37 -26.46 -3.35
C LEU A 239 -10.97 -26.88 -4.69
N ALA A 240 -10.16 -27.48 -5.54
CA ALA A 240 -10.59 -27.87 -6.89
C ALA A 240 -11.39 -29.16 -6.92
N HIS A 241 -11.00 -30.13 -6.09
CA HIS A 241 -11.56 -31.47 -6.20
C HIS A 241 -12.08 -32.08 -4.89
N GLY A 242 -12.21 -31.26 -3.85
CA GLY A 242 -12.65 -31.73 -2.53
C GLY A 242 -11.57 -32.50 -1.77
N MET B 11 -3.59 15.69 -24.36
CA MET B 11 -3.04 15.64 -22.96
C MET B 11 -4.12 15.42 -21.89
N LYS B 12 -3.88 14.45 -21.01
CA LYS B 12 -4.80 14.10 -19.95
C LYS B 12 -4.09 14.12 -18.60
N ILE B 13 -4.53 15.02 -17.73
CA ILE B 13 -3.89 15.14 -16.43
C ILE B 13 -4.66 14.33 -15.38
N GLY B 14 -3.93 13.43 -14.70
CA GLY B 14 -4.48 12.71 -13.55
C GLY B 14 -4.31 13.49 -12.26
N ILE B 15 -5.35 13.49 -11.41
CA ILE B 15 -5.30 14.15 -10.11
C ILE B 15 -5.81 13.17 -9.05
N ILE B 16 -5.08 13.04 -7.97
CA ILE B 16 -5.47 12.15 -6.88
C ILE B 16 -5.58 12.92 -5.56
N GLY B 17 -6.73 12.79 -4.91
CA GLY B 17 -6.91 13.25 -3.53
C GLY B 17 -7.51 12.13 -2.69
N ALA B 18 -7.13 12.10 -1.41
CA ALA B 18 -7.59 11.04 -0.50
C ALA B 18 -9.05 11.20 -0.09
N MET B 19 -9.39 12.36 0.45
CA MET B 19 -10.67 12.60 1.09
C MET B 19 -11.67 13.31 0.18
N GLU B 20 -12.96 13.10 0.41
CA GLU B 20 -14.00 13.83 -0.30
C GLU B 20 -13.76 15.34 -0.19
N GLU B 21 -13.43 15.77 1.02
CA GLU B 21 -13.14 17.17 1.29
CA GLU B 21 -13.15 17.19 1.29
C GLU B 21 -11.99 17.72 0.43
N GLU B 22 -11.06 16.85 0.06
CA GLU B 22 -9.89 17.29 -0.71
C GLU B 22 -10.15 17.30 -2.23
N VAL B 23 -11.15 16.54 -2.69
CA VAL B 23 -11.43 16.43 -4.13
C VAL B 23 -12.74 17.10 -4.57
N THR B 24 -13.53 17.57 -3.61
CA THR B 24 -14.91 17.99 -3.92
C THR B 24 -15.00 19.32 -4.70
N LEU B 25 -14.14 20.29 -4.35
CA LEU B 25 -14.09 21.56 -5.07
C LEU B 25 -13.73 21.34 -6.54
N LEU B 26 -12.74 20.46 -6.78
CA LEU B 26 -12.32 20.07 -8.11
C LEU B 26 -13.37 19.28 -8.87
N ARG B 27 -14.00 18.30 -8.21
CA ARG B 27 -15.10 17.51 -8.80
CA ARG B 27 -15.08 17.52 -8.83
C ARG B 27 -16.21 18.44 -9.32
N ASP B 28 -16.52 19.47 -8.53
CA ASP B 28 -17.58 20.44 -8.85
C ASP B 28 -17.30 21.20 -10.14
N LYS B 29 -16.01 21.34 -10.48
CA LYS B 29 -15.56 22.09 -11.65
C LYS B 29 -15.34 21.24 -12.90
N ILE B 30 -15.43 19.93 -12.77
CA ILE B 30 -15.26 19.03 -13.93
C ILE B 30 -16.56 18.98 -14.77
N GLU B 31 -16.45 19.43 -16.02
CA GLU B 31 -17.57 19.44 -16.97
C GLU B 31 -17.44 18.26 -17.89
N ASN B 32 -18.50 17.95 -18.63
CA ASN B 32 -18.64 16.67 -19.34
C ASN B 32 -18.30 15.50 -18.42
N ARG B 33 -18.77 15.63 -17.18
CA ARG B 33 -18.35 14.79 -16.08
C ARG B 33 -19.01 13.42 -16.12
N GLN B 34 -18.17 12.40 -16.02
CA GLN B 34 -18.59 11.03 -15.81
C GLN B 34 -17.90 10.49 -14.55
N THR B 35 -18.45 9.41 -13.99
CA THR B 35 -17.92 8.80 -12.76
C THR B 35 -17.67 7.32 -12.99
N ILE B 36 -16.44 6.89 -12.75
CA ILE B 36 -16.07 5.47 -12.75
C ILE B 36 -16.02 5.02 -11.30
N SER B 37 -16.78 3.96 -11.02
CA SER B 37 -16.91 3.40 -9.67
CA SER B 37 -16.90 3.42 -9.67
C SER B 37 -16.33 2.01 -9.65
N LEU B 38 -15.19 1.82 -8.97
CA LEU B 38 -14.43 0.59 -9.11
C LEU B 38 -13.48 0.36 -7.93
N GLY B 39 -13.38 -0.89 -7.47
CA GLY B 39 -12.50 -1.29 -6.37
C GLY B 39 -12.62 -0.43 -5.13
N GLY B 40 -13.83 0.11 -4.91
CA GLY B 40 -14.11 1.00 -3.78
C GLY B 40 -13.64 2.45 -3.97
N CYS B 41 -13.20 2.78 -5.18
N CYS B 41 -13.20 2.80 -5.17
CA CYS B 41 -12.73 4.12 -5.54
CA CYS B 41 -12.76 4.17 -5.44
C CYS B 41 -13.72 4.80 -6.49
C CYS B 41 -13.52 4.78 -6.61
N GLU B 42 -13.54 6.11 -6.65
CA GLU B 42 -14.29 6.87 -7.65
C GLU B 42 -13.33 7.68 -8.48
N ILE B 43 -13.50 7.63 -9.81
CA ILE B 43 -12.74 8.50 -10.71
C ILE B 43 -13.72 9.37 -11.47
N TYR B 44 -13.52 10.69 -11.41
CA TYR B 44 -14.38 11.62 -12.15
C TYR B 44 -13.59 12.12 -13.36
N THR B 45 -14.10 11.79 -14.54
CA THR B 45 -13.49 12.18 -15.81
C THR B 45 -14.22 13.36 -16.48
N GLY B 46 -13.55 14.00 -17.42
CA GLY B 46 -14.11 15.19 -18.07
C GLY B 46 -13.07 16.26 -18.16
N GLN B 47 -13.51 17.52 -18.13
CA GLN B 47 -12.65 18.65 -18.36
C GLN B 47 -12.64 19.66 -17.24
N LEU B 48 -11.44 20.14 -16.92
CA LEU B 48 -11.25 21.16 -15.93
C LEU B 48 -10.74 22.41 -16.63
N ASN B 49 -11.62 23.42 -16.75
CA ASN B 49 -11.32 24.63 -17.52
C ASN B 49 -10.78 24.31 -18.93
N GLY B 50 -11.46 23.38 -19.60
CA GLY B 50 -11.07 22.92 -20.93
C GLY B 50 -9.90 21.95 -21.07
N THR B 51 -9.37 21.44 -19.96
CA THR B 51 -8.27 20.44 -20.02
C THR B 51 -8.79 19.08 -19.57
N GLU B 52 -8.52 18.04 -20.35
CA GLU B 52 -8.92 16.68 -19.98
C GLU B 52 -8.24 16.25 -18.68
N VAL B 53 -9.07 15.82 -17.73
CA VAL B 53 -8.58 15.31 -16.44
C VAL B 53 -9.27 14.01 -16.04
N ALA B 54 -8.66 13.33 -15.08
CA ALA B 54 -9.28 12.19 -14.42
C ALA B 54 -8.94 12.32 -12.95
N LEU B 55 -9.96 12.59 -12.14
CA LEU B 55 -9.80 12.92 -10.73
C LEU B 55 -10.17 11.72 -9.87
N LEU B 56 -9.16 11.15 -9.19
CA LEU B 56 -9.38 10.00 -8.32
C LEU B 56 -9.54 10.46 -6.88
N LYS B 57 -10.63 10.01 -6.25
CA LYS B 57 -10.77 10.04 -4.81
C LYS B 57 -10.33 8.65 -4.34
N SER B 58 -9.16 8.57 -3.70
CA SER B 58 -8.49 7.28 -3.42
C SER B 58 -8.89 6.62 -2.11
N GLY B 59 -9.25 7.43 -1.11
CA GLY B 59 -9.27 6.97 0.27
C GLY B 59 -7.91 7.22 0.94
N ILE B 60 -7.87 6.95 2.26
CA ILE B 60 -6.74 7.32 3.10
C ILE B 60 -5.73 6.18 3.25
N GLY B 61 -4.45 6.54 3.18
CA GLY B 61 -3.39 5.59 3.45
C GLY B 61 -2.77 5.01 2.20
N LYS B 62 -1.68 4.26 2.40
CA LYS B 62 -0.82 3.82 1.30
C LYS B 62 -1.47 2.82 0.37
N VAL B 63 -2.14 1.83 0.95
CA VAL B 63 -2.79 0.78 0.16
C VAL B 63 -3.97 1.31 -0.66
N ALA B 64 -4.86 2.06 -0.02
CA ALA B 64 -5.93 2.77 -0.71
C ALA B 64 -5.38 3.57 -1.90
N ALA B 65 -4.35 4.37 -1.66
CA ALA B 65 -3.73 5.18 -2.72
C ALA B 65 -3.16 4.33 -3.85
N ALA B 66 -2.49 3.24 -3.48
CA ALA B 66 -1.81 2.40 -4.48
C ALA B 66 -2.87 1.73 -5.36
N LEU B 67 -3.88 1.18 -4.71
CA LEU B 67 -5.02 0.52 -5.38
C LEU B 67 -5.66 1.53 -6.35
N GLY B 68 -6.04 2.69 -5.82
CA GLY B 68 -6.64 3.75 -6.63
C GLY B 68 -5.78 4.20 -7.81
N ALA B 69 -4.51 4.52 -7.55
CA ALA B 69 -3.56 4.95 -8.60
C ALA B 69 -3.40 3.91 -9.70
N THR B 70 -3.35 2.64 -9.31
CA THR B 70 -3.23 1.53 -10.26
C THR B 70 -4.45 1.53 -11.19
N LEU B 71 -5.65 1.63 -10.60
CA LEU B 71 -6.90 1.74 -11.38
C LEU B 71 -6.91 2.96 -12.30
N LEU B 72 -6.49 4.11 -11.77
CA LEU B 72 -6.49 5.34 -12.56
C LEU B 72 -5.58 5.21 -13.79
N LEU B 73 -4.38 4.68 -13.57
CA LEU B 73 -3.42 4.53 -14.66
C LEU B 73 -3.95 3.57 -15.71
N GLU B 74 -4.45 2.41 -15.26
CA GLU B 74 -4.97 1.37 -16.14
C GLU B 74 -6.22 1.75 -16.94
N HIS B 75 -7.17 2.43 -16.30
CA HIS B 75 -8.44 2.78 -16.93
C HIS B 75 -8.45 4.12 -17.67
N CYS B 76 -7.63 5.07 -17.22
CA CYS B 76 -7.63 6.43 -17.79
C CYS B 76 -6.36 6.81 -18.52
N LYS B 77 -5.26 6.12 -18.21
CA LYS B 77 -3.98 6.42 -18.85
C LYS B 77 -3.66 7.92 -18.88
N PRO B 78 -3.60 8.58 -17.71
CA PRO B 78 -3.19 9.98 -17.73
C PRO B 78 -1.72 10.14 -18.16
N ASP B 79 -1.36 11.31 -18.66
CA ASP B 79 0.03 11.59 -19.01
C ASP B 79 0.91 11.87 -17.80
N VAL B 80 0.33 12.53 -16.81
CA VAL B 80 1.03 12.87 -15.57
C VAL B 80 0.05 12.71 -14.41
N ILE B 81 0.60 12.70 -13.18
CA ILE B 81 -0.22 12.62 -11.96
C ILE B 81 0.11 13.77 -11.05
N ILE B 82 -0.94 14.45 -10.55
CA ILE B 82 -0.81 15.46 -9.51
C ILE B 82 -1.54 14.92 -8.28
N ASN B 83 -0.81 14.76 -7.19
CA ASN B 83 -1.41 14.41 -5.91
C ASN B 83 -1.67 15.69 -5.11
N THR B 84 -2.94 15.95 -4.79
CA THR B 84 -3.32 17.12 -4.00
C THR B 84 -3.90 16.77 -2.61
N GLY B 85 -4.22 17.80 -1.83
CA GLY B 85 -4.85 17.59 -0.53
C GLY B 85 -4.10 18.32 0.57
N SER B 86 -4.35 17.92 1.81
CA SER B 86 -3.70 18.50 3.00
C SER B 86 -2.35 17.84 3.33
N ALA B 87 -1.61 18.41 4.28
CA ALA B 87 -0.33 17.88 4.71
C ALA B 87 -0.02 18.41 6.09
N GLY B 88 0.76 17.66 6.85
CA GLY B 88 1.33 18.18 8.10
C GLY B 88 2.61 18.91 7.74
N GLY B 89 2.71 20.19 8.11
CA GLY B 89 3.91 20.97 7.83
C GLY B 89 5.06 20.63 8.76
N LEU B 90 6.27 20.51 8.22
CA LEU B 90 7.48 20.23 9.00
C LEU B 90 8.56 21.32 8.85
N ALA B 91 8.59 21.96 7.69
CA ALA B 91 9.51 23.06 7.41
C ALA B 91 9.16 24.31 8.26
N PRO B 92 10.17 24.92 8.92
CA PRO B 92 9.99 26.05 9.87
C PRO B 92 9.18 27.25 9.36
N THR B 93 9.19 27.53 8.06
CA THR B 93 8.47 28.70 7.52
C THR B 93 7.02 28.41 7.04
N LEU B 94 6.58 27.17 7.20
CA LEU B 94 5.23 26.80 6.78
C LEU B 94 4.16 27.20 7.79
N LYS B 95 3.10 27.78 7.27
CA LYS B 95 1.94 28.14 8.07
C LYS B 95 0.76 27.42 7.46
N VAL B 96 -0.31 27.29 8.23
CA VAL B 96 -1.54 26.70 7.72
C VAL B 96 -1.95 27.42 6.42
N GLY B 97 -2.37 26.64 5.42
CA GLY B 97 -2.74 27.15 4.09
C GLY B 97 -1.62 27.21 3.07
N ASP B 98 -0.36 27.22 3.54
CA ASP B 98 0.79 27.30 2.65
C ASP B 98 0.97 26.04 1.84
N ILE B 99 1.67 26.17 0.69
CA ILE B 99 1.85 25.12 -0.29
C ILE B 99 3.14 24.35 -0.09
N VAL B 100 3.04 23.03 -0.20
CA VAL B 100 4.23 22.21 -0.30
C VAL B 100 4.28 21.49 -1.65
N VAL B 101 5.45 21.55 -2.27
CA VAL B 101 5.71 20.91 -3.57
C VAL B 101 6.81 19.87 -3.37
N SER B 102 6.51 18.63 -3.76
CA SER B 102 7.51 17.57 -3.67
C SER B 102 8.58 17.75 -4.72
N ASP B 103 9.85 17.71 -4.30
CA ASP B 103 10.82 17.31 -5.29
C ASP B 103 11.04 15.81 -5.27
N GLU B 104 10.51 15.16 -4.24
CA GLU B 104 10.80 13.77 -3.98
C GLU B 104 9.86 13.26 -2.89
N ALA B 105 9.57 11.96 -2.91
CA ALA B 105 8.69 11.33 -1.92
C ALA B 105 9.42 10.11 -1.37
N ARG B 106 9.35 9.94 -0.05
CA ARG B 106 9.91 8.77 0.65
C ARG B 106 8.95 8.26 1.73
N TYR B 107 8.92 6.93 1.91
CA TYR B 107 8.23 6.35 3.07
C TYR B 107 9.02 6.66 4.34
N HIS B 108 8.35 7.26 5.33
CA HIS B 108 9.00 7.45 6.62
C HIS B 108 8.84 6.23 7.52
N ASP B 109 7.92 5.33 7.16
CA ASP B 109 7.63 4.14 7.99
C ASP B 109 8.10 2.79 7.40
N ALA B 110 8.96 2.84 6.40
CA ALA B 110 9.47 1.59 5.82
C ALA B 110 10.87 1.34 6.34
N ASP B 111 11.09 0.12 6.82
CA ASP B 111 12.35 -0.20 7.43
C ASP B 111 12.80 -1.64 7.16
N VAL B 112 13.64 -1.78 6.13
CA VAL B 112 14.34 -3.02 5.87
CA VAL B 112 14.36 -3.03 5.93
C VAL B 112 15.87 -2.78 5.97
N THR B 113 16.26 -1.90 6.87
CA THR B 113 17.67 -1.57 7.08
C THR B 113 18.44 -2.78 7.60
N ALA B 114 17.76 -3.73 8.24
CA ALA B 114 18.39 -4.98 8.67
C ALA B 114 19.07 -5.73 7.53
N PHE B 115 18.60 -5.50 6.31
CA PHE B 115 19.15 -6.16 5.12
C PHE B 115 19.89 -5.16 4.22
N GLY B 116 20.22 -3.99 4.77
CA GLY B 116 21.12 -3.06 4.09
C GLY B 116 20.48 -2.07 3.13
N TYR B 117 19.16 -1.96 3.16
CA TYR B 117 18.47 -0.90 2.44
C TYR B 117 18.51 0.39 3.26
N GLU B 118 18.40 1.51 2.57
CA GLU B 118 18.40 2.81 3.18
C GLU B 118 17.12 2.88 4.00
N TYR B 119 17.17 3.56 5.15
CA TYR B 119 15.95 3.81 5.87
C TYR B 119 14.88 4.43 4.95
N GLY B 120 13.68 3.85 5.03
CA GLY B 120 12.53 4.26 4.23
C GLY B 120 12.47 3.70 2.83
N GLN B 121 13.53 2.98 2.45
CA GLN B 121 13.59 2.28 1.17
C GLN B 121 13.03 0.87 1.28
N LEU B 122 12.22 0.48 0.30
CA LEU B 122 11.80 -0.90 0.13
C LEU B 122 12.52 -1.58 -1.06
N PRO B 123 12.79 -2.89 -0.94
CA PRO B 123 13.53 -3.60 -1.97
C PRO B 123 12.80 -3.54 -3.31
N GLY B 124 13.57 -3.31 -4.37
CA GLY B 124 13.02 -3.15 -5.71
C GLY B 124 12.60 -1.74 -6.07
N CYS B 125 12.72 -0.83 -5.10
CA CYS B 125 12.43 0.59 -5.31
C CYS B 125 13.69 1.43 -5.07
N PRO B 126 13.74 2.63 -5.67
CA PRO B 126 14.73 3.65 -5.31
C PRO B 126 14.43 4.10 -3.88
N ALA B 127 15.45 4.60 -3.18
CA ALA B 127 15.32 5.05 -1.80
C ALA B 127 14.25 6.13 -1.67
N GLY B 128 14.16 7.00 -2.67
CA GLY B 128 13.04 7.94 -2.82
C GLY B 128 12.62 8.04 -4.28
N PHE B 129 11.44 8.59 -4.52
CA PHE B 129 10.88 8.75 -5.87
C PHE B 129 10.95 10.23 -6.25
N LYS B 130 11.66 10.55 -7.33
CA LYS B 130 11.84 11.94 -7.76
C LYS B 130 10.61 12.46 -8.51
N ALA B 131 10.07 13.58 -8.05
CA ALA B 131 8.98 14.28 -8.76
C ALA B 131 9.53 14.85 -10.08
N ASP B 132 8.65 15.08 -11.04
CA ASP B 132 9.04 15.52 -12.38
C ASP B 132 9.47 16.99 -12.40
N ASP B 133 10.64 17.26 -13.01
CA ASP B 133 11.19 18.65 -13.02
C ASP B 133 10.26 19.66 -13.71
N LYS B 134 9.64 19.25 -14.81
CA LYS B 134 8.75 20.15 -15.56
C LYS B 134 7.48 20.45 -14.77
N LEU B 135 6.92 19.41 -14.14
CA LEU B 135 5.78 19.61 -13.24
C LEU B 135 6.13 20.54 -12.09
N ILE B 136 7.30 20.34 -11.48
CA ILE B 136 7.77 21.21 -10.38
C ILE B 136 7.95 22.68 -10.83
N ALA B 137 8.58 22.88 -11.98
CA ALA B 137 8.74 24.21 -12.57
C ALA B 137 7.40 24.93 -12.79
N ALA B 138 6.43 24.22 -13.36
CA ALA B 138 5.09 24.76 -13.59
C ALA B 138 4.38 25.11 -12.27
N ALA B 139 4.52 24.25 -11.25
CA ALA B 139 3.93 24.55 -9.93
C ALA B 139 4.55 25.80 -9.31
N GLU B 140 5.87 25.93 -9.39
CA GLU B 140 6.60 27.10 -8.86
C GLU B 140 6.25 28.41 -9.57
N ALA B 141 6.01 28.34 -10.88
CA ALA B 141 5.53 29.49 -11.66
C ALA B 141 4.14 29.95 -11.19
N CYS B 142 3.22 29.01 -11.03
CA CYS B 142 1.90 29.26 -10.46
C CYS B 142 2.00 29.92 -9.07
N ILE B 143 2.83 29.35 -8.19
CA ILE B 143 3.09 29.89 -6.87
C ILE B 143 3.50 31.36 -6.96
N ALA B 144 4.42 31.67 -7.88
CA ALA B 144 4.91 33.02 -8.08
C ALA B 144 3.80 33.95 -8.56
N GLU B 145 3.06 33.50 -9.57
CA GLU B 145 1.96 34.27 -10.16
C GLU B 145 0.82 34.55 -9.18
N LEU B 146 0.60 33.61 -8.25
CA LEU B 146 -0.45 33.73 -7.25
C LEU B 146 0.02 34.34 -5.91
N ASN B 147 1.31 34.69 -5.79
CA ASN B 147 1.88 35.26 -4.56
C ASN B 147 1.68 34.35 -3.32
N LEU B 148 1.93 33.05 -3.52
CA LEU B 148 1.79 32.07 -2.45
C LEU B 148 3.08 31.87 -1.67
N ASN B 149 2.93 31.56 -0.39
CA ASN B 149 4.04 31.07 0.40
C ASN B 149 4.13 29.56 0.22
N ALA B 150 5.26 29.10 -0.31
CA ALA B 150 5.46 27.68 -0.54
C ALA B 150 6.87 27.24 -0.18
N VAL B 151 7.00 25.93 -0.04
CA VAL B 151 8.30 25.28 0.16
C VAL B 151 8.33 24.03 -0.73
N ARG B 152 9.46 23.82 -1.36
CA ARG B 152 9.71 22.67 -2.23
C ARG B 152 10.69 21.74 -1.53
N GLY B 153 10.46 20.43 -1.64
CA GLY B 153 11.30 19.52 -0.88
C GLY B 153 10.80 18.11 -0.71
N LEU B 154 11.45 17.38 0.18
CA LEU B 154 11.06 16.02 0.50
C LEU B 154 9.73 15.99 1.27
N ILE B 155 8.77 15.26 0.71
CA ILE B 155 7.54 14.92 1.42
C ILE B 155 7.62 13.42 1.81
N VAL B 156 7.31 13.13 3.06
CA VAL B 156 7.36 11.74 3.55
C VAL B 156 5.98 11.20 3.85
N SER B 157 5.75 9.92 3.52
CA SER B 157 4.44 9.29 3.69
C SER B 157 4.51 8.11 4.64
N GLY B 158 3.43 7.90 5.38
CA GLY B 158 3.28 6.73 6.26
C GLY B 158 1.81 6.49 6.54
N ASP B 159 1.48 5.39 7.21
CA ASP B 159 0.06 5.09 7.52
C ASP B 159 -0.31 5.55 8.93
N ALA B 160 0.26 6.66 9.35
CA ALA B 160 -0.07 7.20 10.67
C ALA B 160 -0.30 8.68 10.62
N PHE B 161 -1.29 9.16 11.39
CA PHE B 161 -1.48 10.59 11.55
C PHE B 161 -0.49 11.09 12.60
N ILE B 162 0.34 12.05 12.21
CA ILE B 162 1.40 12.51 13.07
C ILE B 162 0.91 13.62 14.03
N ASN B 163 1.25 13.46 15.31
CA ASN B 163 0.67 14.19 16.42
C ASN B 163 1.71 14.46 17.51
N GLY B 164 2.88 14.96 17.11
CA GLY B 164 3.99 15.21 18.02
C GLY B 164 4.58 13.94 18.61
N SER B 165 5.18 14.09 19.80
CA SER B 165 5.62 12.96 20.60
C SER B 165 6.63 12.05 19.86
N VAL B 166 6.61 10.75 20.17
CA VAL B 166 7.54 9.80 19.56
C VAL B 166 7.42 9.75 18.02
N GLY B 167 6.20 9.82 17.49
CA GLY B 167 6.02 9.70 16.03
C GLY B 167 6.72 10.81 15.26
N LEU B 168 6.59 12.04 15.75
CA LEU B 168 7.25 13.18 15.16
C LEU B 168 8.78 13.10 15.32
N ALA B 169 9.22 12.73 16.51
CA ALA B 169 10.64 12.57 16.79
C ALA B 169 11.30 11.59 15.82
N LYS B 170 10.62 10.48 15.54
CA LYS B 170 11.17 9.48 14.62
C LYS B 170 11.34 10.03 13.21
N ILE B 171 10.32 10.76 12.70
CA ILE B 171 10.42 11.43 11.39
C ILE B 171 11.59 12.43 11.36
N ARG B 172 11.70 13.24 12.41
CA ARG B 172 12.79 14.24 12.49
C ARG B 172 14.15 13.56 12.50
N HIS B 173 14.23 12.42 13.19
CA HIS B 173 15.47 11.64 13.23
C HIS B 173 15.94 11.20 11.84
N ASN B 174 15.04 10.54 11.11
CA ASN B 174 15.39 9.88 9.86
C ASN B 174 15.38 10.84 8.70
N PHE B 175 14.53 11.87 8.79
CA PHE B 175 14.31 12.82 7.69
C PHE B 175 14.29 14.29 8.20
N PRO B 176 15.43 14.78 8.72
CA PRO B 176 15.49 16.17 9.20
C PRO B 176 15.19 17.19 8.10
N GLN B 177 15.39 16.80 6.85
CA GLN B 177 15.11 17.63 5.68
C GLN B 177 13.65 17.57 5.18
N ALA B 178 12.83 16.68 5.73
CA ALA B 178 11.45 16.58 5.24
C ALA B 178 10.71 17.88 5.48
N ILE B 179 9.97 18.34 4.46
CA ILE B 179 9.21 19.59 4.56
C ILE B 179 7.76 19.37 4.98
N ALA B 180 7.25 18.15 4.76
CA ALA B 180 5.88 17.83 5.15
C ALA B 180 5.68 16.31 5.26
N VAL B 181 4.62 15.92 5.97
CA VAL B 181 4.25 14.52 6.15
C VAL B 181 2.78 14.29 5.79
N GLU B 182 2.48 13.15 5.19
CA GLU B 182 1.10 12.82 4.85
C GLU B 182 1.01 11.32 4.68
N MET B 183 -0.02 10.82 4.00
CA MET B 183 -0.28 9.37 4.01
C MET B 183 -0.45 8.67 2.63
N GLU B 184 -0.27 9.38 1.52
CA GLU B 184 -0.54 8.75 0.22
C GLU B 184 0.51 9.03 -0.83
N ALA B 185 1.17 10.17 -0.73
CA ALA B 185 2.05 10.65 -1.83
C ALA B 185 3.08 9.63 -2.33
N THR B 186 3.78 8.97 -1.41
CA THR B 186 4.86 8.05 -1.77
C THR B 186 4.30 6.79 -2.44
N ALA B 187 3.13 6.34 -1.98
CA ALA B 187 2.47 5.18 -2.55
C ALA B 187 2.07 5.49 -3.99
N ILE B 188 1.61 6.72 -4.19
CA ILE B 188 1.27 7.20 -5.54
C ILE B 188 2.53 7.26 -6.40
N ALA B 189 3.59 7.85 -5.86
CA ALA B 189 4.90 7.94 -6.56
C ALA B 189 5.41 6.54 -6.97
N HIS B 190 5.19 5.59 -6.08
CA HIS B 190 5.71 4.23 -6.22
C HIS B 190 4.99 3.57 -7.40
N VAL B 191 3.67 3.71 -7.45
CA VAL B 191 2.87 3.15 -8.55
C VAL B 191 3.26 3.82 -9.89
N CYS B 192 3.34 5.16 -9.88
CA CYS B 192 3.85 5.94 -11.03
C CYS B 192 5.24 5.51 -11.53
N HIS B 193 6.15 5.25 -10.59
CA HIS B 193 7.49 4.72 -10.90
C HIS B 193 7.40 3.43 -11.71
N ASN B 194 6.53 2.54 -11.27
CA ASN B 194 6.42 1.21 -11.84
C ASN B 194 5.80 1.27 -13.27
N PHE B 195 5.03 2.33 -13.54
CA PHE B 195 4.45 2.60 -14.86
C PHE B 195 5.13 3.73 -15.66
N ASN B 196 6.25 4.26 -15.15
CA ASN B 196 6.97 5.35 -15.82
CA ASN B 196 6.98 5.35 -15.82
C ASN B 196 6.07 6.56 -16.11
N VAL B 197 5.29 6.96 -15.09
CA VAL B 197 4.40 8.13 -15.20
C VAL B 197 4.94 9.26 -14.32
N PRO B 198 5.15 10.46 -14.89
CA PRO B 198 5.64 11.59 -14.09
C PRO B 198 4.64 12.02 -13.01
N PHE B 199 5.13 12.44 -11.85
CA PHE B 199 4.24 12.89 -10.79
C PHE B 199 4.80 14.12 -10.09
N VAL B 200 3.90 14.83 -9.42
CA VAL B 200 4.27 15.86 -8.47
C VAL B 200 3.25 15.85 -7.33
N VAL B 201 3.68 16.24 -6.14
CA VAL B 201 2.74 16.45 -5.05
C VAL B 201 2.59 17.96 -4.84
N VAL B 202 1.35 18.47 -4.83
CA VAL B 202 1.10 19.87 -4.50
C VAL B 202 -0.01 19.87 -3.43
N ARG B 203 0.40 20.03 -2.18
CA ARG B 203 -0.51 19.95 -1.05
C ARG B 203 -0.45 21.23 -0.26
N ALA B 204 -1.38 21.40 0.67
CA ALA B 204 -1.44 22.61 1.48
C ALA B 204 -1.52 22.22 2.94
N ILE B 205 -0.93 23.07 3.78
CA ILE B 205 -0.73 22.75 5.20
C ILE B 205 -2.03 22.92 6.01
N SER B 206 -2.43 21.83 6.67
CA SER B 206 -3.58 21.81 7.58
C SER B 206 -3.17 21.88 9.06
N ASP B 207 -1.92 21.50 9.32
CA ASP B 207 -1.40 21.43 10.66
C ASP B 207 0.12 21.26 10.57
N VAL B 208 0.78 21.29 11.72
CA VAL B 208 2.24 21.16 11.79
C VAL B 208 2.69 19.90 12.52
N ALA B 209 1.84 18.87 12.53
CA ALA B 209 2.25 17.50 12.92
C ALA B 209 2.75 17.38 14.38
N ASP B 210 2.40 18.36 15.20
CA ASP B 210 2.81 18.41 16.60
C ASP B 210 1.65 17.95 17.47
N GLN B 211 1.73 18.19 18.77
CA GLN B 211 0.69 17.70 19.69
C GLN B 211 -0.67 18.39 19.49
N GLN B 212 -0.67 19.51 18.77
CA GLN B 212 -1.89 20.26 18.43
C GLN B 212 -2.47 19.89 17.06
N SER B 213 -1.91 18.86 16.41
CA SER B 213 -2.22 18.61 14.99
CA SER B 213 -2.20 18.51 15.00
C SER B 213 -3.67 18.19 14.70
N HIS B 214 -4.31 17.52 15.66
CA HIS B 214 -5.70 17.07 15.56
C HIS B 214 -6.66 18.27 15.52
N LEU B 215 -6.51 19.15 16.51
CA LEU B 215 -7.24 20.43 16.60
C LEU B 215 -7.03 21.29 15.34
N SER B 216 -5.78 21.53 15.00
CA SER B 216 -5.44 22.29 13.77
C SER B 216 -6.08 21.69 12.51
N PHE B 217 -5.95 20.38 12.34
CA PHE B 217 -6.51 19.70 11.18
C PHE B 217 -8.02 19.88 11.06
N ASP B 218 -8.75 19.67 12.18
CA ASP B 218 -10.18 19.90 12.23
C ASP B 218 -10.48 21.35 11.85
N GLU B 219 -9.70 22.26 12.40
CA GLU B 219 -9.88 23.69 12.14
C GLU B 219 -9.49 24.13 10.71
N PHE B 220 -8.44 23.54 10.13
CA PHE B 220 -7.87 24.10 8.91
C PHE B 220 -7.90 23.19 7.67
N LEU B 221 -8.53 22.03 7.77
CA LEU B 221 -8.66 21.17 6.59
C LEU B 221 -9.38 21.87 5.43
N ALA B 222 -10.42 22.64 5.75
CA ALA B 222 -11.15 23.37 4.71
C ALA B 222 -10.25 24.33 3.95
N VAL B 223 -9.45 25.12 4.67
CA VAL B 223 -8.52 26.07 4.06
C VAL B 223 -7.47 25.32 3.24
N ALA B 224 -6.95 24.21 3.76
CA ALA B 224 -5.93 23.42 3.06
C ALA B 224 -6.46 22.83 1.75
N ALA B 225 -7.69 22.31 1.81
CA ALA B 225 -8.36 21.78 0.63
C ALA B 225 -8.63 22.86 -0.44
N LYS B 226 -8.96 24.08 0.00
CA LYS B 226 -9.20 25.20 -0.93
C LYS B 226 -7.88 25.62 -1.58
N GLN B 227 -6.86 25.88 -0.75
CA GLN B 227 -5.56 26.30 -1.26
C GLN B 227 -4.97 25.30 -2.26
N SER B 228 -4.92 24.03 -1.87
CA SER B 228 -4.39 22.99 -2.75
C SER B 228 -5.20 22.88 -4.03
N SER B 229 -6.52 22.96 -3.95
CA SER B 229 -7.38 22.88 -5.14
C SER B 229 -7.15 24.05 -6.10
N LEU B 230 -7.05 25.26 -5.55
CA LEU B 230 -6.77 26.47 -6.35
C LEU B 230 -5.42 26.32 -7.06
N MET B 231 -4.41 25.85 -6.33
CA MET B 231 -3.11 25.57 -6.94
C MET B 231 -3.20 24.57 -8.07
N VAL B 232 -3.94 23.48 -7.84
CA VAL B 232 -4.07 22.42 -8.83
C VAL B 232 -4.74 22.93 -10.11
N GLU B 233 -5.83 23.70 -9.94
CA GLU B 233 -6.50 24.36 -11.06
C GLU B 233 -5.59 25.23 -11.89
N SER B 234 -4.78 26.05 -11.21
CA SER B 234 -3.78 26.89 -11.86
CA SER B 234 -3.77 26.89 -11.86
C SER B 234 -2.72 26.05 -12.57
N LEU B 235 -2.36 24.91 -11.95
CA LEU B 235 -1.30 24.05 -12.48
C LEU B 235 -1.74 23.37 -13.75
N VAL B 236 -2.94 22.78 -13.73
CA VAL B 236 -3.55 22.14 -14.89
C VAL B 236 -3.59 23.13 -16.07
N GLN B 237 -4.11 24.32 -15.82
CA GLN B 237 -4.12 25.39 -16.82
C GLN B 237 -2.69 25.69 -17.39
N LYS B 238 -1.72 25.89 -16.51
CA LYS B 238 -0.35 26.17 -16.96
C LYS B 238 0.23 25.05 -17.84
N LEU B 239 -0.03 23.81 -17.44
CA LEU B 239 0.49 22.64 -18.16
C LEU B 239 -0.10 22.51 -19.55
N ALA B 240 -1.39 22.79 -19.65
CA ALA B 240 -2.11 22.63 -20.90
C ALA B 240 -1.96 23.82 -21.84
N HIS B 241 -1.84 25.03 -21.28
CA HIS B 241 -1.95 26.24 -22.09
C HIS B 241 -0.84 27.26 -21.86
N GLY B 242 0.25 26.81 -21.25
CA GLY B 242 1.51 27.54 -21.21
C GLY B 242 1.54 28.75 -20.30
N6 DF9 C . 10.56 -10.57 11.09
C6 DF9 C . 9.78 -10.28 10.00
N1 DF9 C . 9.18 -9.06 9.89
C2 DF9 C . 8.40 -8.75 8.84
N3 DF9 C . 8.19 -9.63 7.86
C5 DF9 C . 9.60 -11.22 8.99
C4 DF9 C . 8.78 -10.86 7.92
N7 DF9 C . 10.01 -12.50 8.76
C8 DF9 C . 9.50 -12.93 7.58
C9 DF9 C . 8.71 -11.92 7.02
C10 DF9 C . 7.94 -12.03 5.72
N1' DF9 C . 8.58 -11.28 4.67
C2' DF9 C . 8.13 -9.94 4.34
C3' DF9 C . 8.91 -9.70 3.04
O3' DF9 C . 8.02 -9.92 1.96
C1' DF9 C . 9.70 -11.85 3.97
C4' DF9 C . 9.96 -10.79 2.93
C5' DF9 C . 11.38 -10.29 3.09
S6' DF9 C . 11.59 -9.11 4.39
C7' DF9 C . 12.54 -7.83 3.65
C21 DF9 C . 13.74 -8.38 2.92
C26 DF9 C . 14.27 -9.63 3.21
C25 DF9 C . 15.36 -10.12 2.52
C24 DF9 C . 15.97 -9.34 1.54
C23 DF9 C . 15.46 -8.09 1.23
C22 DF9 C . 14.35 -7.60 1.93
N6 DF9 D . -0.17 15.45 10.68
C6 DF9 D . -0.45 14.65 9.59
N1 DF9 D . -0.01 13.36 9.53
C2 DF9 D . -0.27 12.60 8.45
N3 DF9 D . -0.98 13.04 7.41
C5 DF9 D . -1.19 15.16 8.54
C4 DF9 D . -1.44 14.33 7.46
N7 DF9 D . -1.77 16.35 8.30
C8 DF9 D . -2.38 16.31 7.09
C9 DF9 D . -2.19 15.04 6.51
C10 DF9 D . -2.72 14.59 5.16
N1' DF9 D . -3.80 13.63 5.33
C2' DF9 D . -3.59 12.19 5.18
C3' DF9 D . -5.02 11.65 5.16
O3' DF9 D . -5.39 11.32 3.82
C1' DF9 D . -5.13 14.07 5.68
C4' DF9 D . -5.93 12.79 5.58
C5' DF9 D . -6.69 12.55 6.87
S6' DF9 D . -5.79 11.80 8.19
C7' DF9 D . -6.94 10.75 9.00
C21 DF9 D . -8.33 11.33 9.18
C26 DF9 D . -8.54 12.65 9.58
C25 DF9 D . -9.84 13.15 9.74
C24 DF9 D . -10.94 12.33 9.50
C23 DF9 D . -10.74 11.01 9.10
C22 DF9 D . -9.44 10.52 8.95
#